data_9BVV
#
_entry.id   9BVV
#
_entity_poly.entity_id   1
_entity_poly.type   'polypeptide(L)'
_entity_poly.pdbx_seq_one_letter_code
;SAFWQWFSKFLGR
;
_entity_poly.pdbx_strand_id   A
#
# COMPACT_ATOMS: atom_id res chain seq x y z
N SER A 1 -0.44 6.33 2.89
CA SER A 1 0.74 6.24 2.04
C SER A 1 0.37 6.47 0.58
N ALA A 2 1.38 6.48 -0.28
CA ALA A 2 1.17 6.68 -1.71
C ALA A 2 1.19 5.36 -2.47
N PHE A 3 2.39 4.82 -2.67
CA PHE A 3 2.55 3.56 -3.37
C PHE A 3 2.12 2.38 -2.50
N TRP A 4 1.83 1.26 -3.15
CA TRP A 4 1.40 0.06 -2.44
C TRP A 4 2.61 -0.72 -1.90
N GLN A 5 2.51 -1.16 -0.65
CA GLN A 5 3.59 -1.92 -0.03
C GLN A 5 3.15 -2.50 1.31
N TRP A 6 2.90 -3.80 1.34
CA TRP A 6 2.46 -4.47 2.55
C TRP A 6 1.26 -3.77 3.17
N PHE A 7 0.34 -3.32 2.32
CA PHE A 7 -0.85 -2.62 2.78
C PHE A 7 -0.49 -1.30 3.45
N SER A 8 0.14 -0.41 2.69
CA SER A 8 0.54 0.89 3.21
C SER A 8 -0.45 1.97 2.81
N LYS A 9 -0.35 2.43 1.57
CA LYS A 9 -1.24 3.46 1.06
C LYS A 9 -2.70 3.05 1.23
N PHE A 10 -2.95 1.74 1.29
CA PHE A 10 -4.30 1.22 1.46
C PHE A 10 -4.29 -0.30 1.48
N LEU A 11 -3.86 -0.90 0.38
CA LEU A 11 -3.82 -2.36 0.27
C LEU A 11 -2.96 -2.78 -0.92
N GLY A 12 -1.80 -3.37 -0.63
CA GLY A 12 -0.91 -3.81 -1.68
C GLY A 12 -0.56 -5.29 -1.56
N ARG A 13 -0.83 -6.04 -2.61
CA ARG A 13 -0.55 -7.48 -2.63
C ARG A 13 0.90 -7.75 -2.23
N SER A 1 -0.92 6.33 2.96
CA SER A 1 0.32 6.29 2.18
C SER A 1 0.04 6.53 0.71
N ALA A 2 1.11 6.62 -0.08
CA ALA A 2 0.98 6.86 -1.52
C ALA A 2 1.10 5.55 -2.29
N PHE A 3 2.33 5.06 -2.42
CA PHE A 3 2.58 3.81 -3.14
C PHE A 3 2.14 2.60 -2.33
N TRP A 4 1.95 1.48 -3.00
CA TRP A 4 1.52 0.26 -2.33
C TRP A 4 2.71 -0.47 -1.71
N GLN A 5 2.51 -0.96 -0.49
CA GLN A 5 3.57 -1.68 0.22
C GLN A 5 3.04 -2.32 1.50
N TRP A 6 2.82 -3.63 1.44
CA TRP A 6 2.30 -4.37 2.59
C TRP A 6 1.05 -3.71 3.13
N PHE A 7 0.17 -3.28 2.24
CA PHE A 7 -1.08 -2.63 2.64
C PHE A 7 -0.80 -1.31 3.35
N SER A 8 -0.14 -0.40 2.65
CA SER A 8 0.19 0.91 3.23
C SER A 8 -0.81 1.97 2.78
N LYS A 9 -0.63 2.46 1.55
CA LYS A 9 -1.50 3.48 0.99
C LYS A 9 -2.96 3.03 1.06
N PHE A 10 -3.18 1.72 1.08
CA PHE A 10 -4.51 1.16 1.13
C PHE A 10 -4.48 -0.36 1.12
N LEU A 11 -3.97 -0.93 0.03
CA LEU A 11 -3.88 -2.37 -0.11
C LEU A 11 -2.94 -2.75 -1.25
N GLY A 12 -1.75 -3.24 -0.92
CA GLY A 12 -0.79 -3.64 -1.92
C GLY A 12 -0.62 -5.15 -2.01
N ARG A 13 -1.08 -5.72 -3.12
CA ARG A 13 -0.98 -7.16 -3.32
C ARG A 13 0.43 -7.55 -3.78
N SER A 1 -1.22 6.26 2.76
CA SER A 1 0.05 6.23 2.05
C SER A 1 -0.16 6.42 0.55
N ALA A 2 0.93 6.50 -0.20
CA ALA A 2 0.87 6.67 -1.64
C ALA A 2 1.07 5.35 -2.37
N PHE A 3 2.31 4.89 -2.42
CA PHE A 3 2.64 3.63 -3.09
C PHE A 3 2.20 2.44 -2.24
N TRP A 4 2.04 1.29 -2.88
CA TRP A 4 1.63 0.08 -2.19
C TRP A 4 2.80 -0.58 -1.49
N GLN A 5 2.57 -1.05 -0.27
CA GLN A 5 3.62 -1.70 0.51
C GLN A 5 3.04 -2.32 1.78
N TRP A 6 2.87 -3.63 1.77
CA TRP A 6 2.33 -4.34 2.93
C TRP A 6 1.03 -3.71 3.40
N PHE A 7 0.18 -3.33 2.45
CA PHE A 7 -1.09 -2.71 2.77
C PHE A 7 -0.89 -1.36 3.45
N SER A 8 -0.24 -0.44 2.74
CA SER A 8 0.03 0.89 3.28
C SER A 8 -0.97 1.91 2.74
N LYS A 9 -0.75 2.35 1.51
CA LYS A 9 -1.63 3.32 0.89
C LYS A 9 -3.08 2.83 0.90
N PHE A 10 -3.25 1.52 0.97
CA PHE A 10 -4.59 0.93 0.99
C PHE A 10 -4.50 -0.59 1.03
N LEU A 11 -3.93 -1.18 -0.02
CA LEU A 11 -3.79 -2.63 -0.10
C LEU A 11 -2.79 -3.02 -1.20
N GLY A 12 -1.61 -3.47 -0.78
CA GLY A 12 -0.59 -3.86 -1.74
C GLY A 12 -0.39 -5.37 -1.77
N ARG A 13 -0.85 -6.00 -2.84
CA ARG A 13 -0.73 -7.44 -3.00
C ARG A 13 0.73 -7.84 -3.17
N SER A 1 -0.71 6.07 3.15
CA SER A 1 0.45 6.14 2.28
C SER A 1 0.04 6.45 0.84
N ALA A 2 1.03 6.64 -0.02
CA ALA A 2 0.77 6.95 -1.42
C ALA A 2 0.89 5.70 -2.29
N PHE A 3 2.12 5.27 -2.55
CA PHE A 3 2.37 4.09 -3.37
C PHE A 3 2.06 2.82 -2.58
N TRP A 4 1.85 1.72 -3.31
CA TRP A 4 1.55 0.44 -2.68
C TRP A 4 2.82 -0.24 -2.19
N GLN A 5 2.75 -0.82 -1.00
CA GLN A 5 3.90 -1.50 -0.42
C GLN A 5 3.50 -2.26 0.85
N TRP A 6 3.34 -3.56 0.73
CA TRP A 6 2.95 -4.41 1.86
C TRP A 6 1.71 -3.84 2.56
N PHE A 7 0.74 -3.41 1.76
CA PHE A 7 -0.50 -2.85 2.29
C PHE A 7 -0.22 -1.57 3.07
N SER A 8 0.34 -0.58 2.38
CA SER A 8 0.65 0.70 3.00
C SER A 8 -0.43 1.74 2.69
N LYS A 9 -0.37 2.31 1.50
CA LYS A 9 -1.34 3.31 1.07
C LYS A 9 -2.76 2.79 1.22
N PHE A 10 -2.91 1.47 1.17
CA PHE A 10 -4.22 0.84 1.30
C PHE A 10 -4.11 -0.67 1.20
N LEU A 11 -3.67 -1.15 0.03
CA LEU A 11 -3.52 -2.59 -0.21
C LEU A 11 -2.67 -2.85 -1.44
N GLY A 12 -1.43 -3.30 -1.22
CA GLY A 12 -0.54 -3.59 -2.32
C GLY A 12 -0.30 -5.07 -2.50
N ARG A 13 -0.89 -5.64 -3.55
CA ARG A 13 -0.73 -7.06 -3.83
C ARG A 13 0.70 -7.38 -4.26
N SER A 1 0.12 6.25 3.24
CA SER A 1 1.22 6.12 2.29
C SER A 1 0.78 6.50 0.88
N ALA A 2 1.72 6.51 -0.05
CA ALA A 2 1.43 6.85 -1.44
C ALA A 2 1.27 5.60 -2.29
N PHE A 3 2.40 4.97 -2.62
CA PHE A 3 2.39 3.76 -3.43
C PHE A 3 1.90 2.56 -2.63
N TRP A 4 1.48 1.51 -3.32
CA TRP A 4 0.99 0.30 -2.67
C TRP A 4 2.14 -0.62 -2.29
N GLN A 5 2.07 -1.18 -1.09
CA GLN A 5 3.10 -2.09 -0.60
C GLN A 5 2.69 -2.73 0.72
N TRP A 6 2.33 -4.00 0.66
CA TRP A 6 1.92 -4.73 1.86
C TRP A 6 0.84 -3.95 2.62
N PHE A 7 -0.09 -3.36 1.88
CA PHE A 7 -1.18 -2.60 2.48
C PHE A 7 -0.64 -1.38 3.22
N SER A 8 0.01 -0.48 2.47
CA SER A 8 0.58 0.72 3.06
C SER A 8 -0.33 1.93 2.82
N LYS A 9 -0.27 2.47 1.60
CA LYS A 9 -1.09 3.63 1.25
C LYS A 9 -2.57 3.34 1.50
N PHE A 10 -2.93 2.06 1.48
CA PHE A 10 -4.32 1.66 1.72
C PHE A 10 -4.47 0.14 1.63
N LEU A 11 -4.19 -0.40 0.45
CA LEU A 11 -4.29 -1.83 0.22
C LEU A 11 -3.60 -2.23 -1.07
N GLY A 12 -2.45 -2.89 -0.95
CA GLY A 12 -1.70 -3.32 -2.12
C GLY A 12 -1.83 -4.81 -2.38
N ARG A 13 -0.75 -5.54 -2.18
CA ARG A 13 -0.75 -6.98 -2.39
C ARG A 13 -0.31 -7.72 -1.13
N SER A 1 -0.87 6.51 2.64
CA SER A 1 0.29 6.46 1.76
C SER A 1 -0.14 6.62 0.30
N ALA A 2 0.84 6.67 -0.59
CA ALA A 2 0.58 6.81 -2.02
C ALA A 2 0.67 5.47 -2.73
N PHE A 3 1.89 5.01 -2.95
CA PHE A 3 2.11 3.74 -3.63
C PHE A 3 1.82 2.56 -2.70
N TRP A 4 1.57 1.40 -3.28
CA TRP A 4 1.29 0.20 -2.50
C TRP A 4 2.57 -0.41 -1.94
N GLN A 5 2.51 -0.82 -0.69
CA GLN A 5 3.67 -1.42 -0.03
C GLN A 5 3.30 -2.04 1.31
N TRP A 6 3.11 -3.35 1.33
CA TRP A 6 2.74 -4.06 2.55
C TRP A 6 1.51 -3.42 3.19
N PHE A 7 0.53 -3.08 2.37
CA PHE A 7 -0.70 -2.45 2.86
C PHE A 7 -0.41 -1.09 3.47
N SER A 8 0.13 -0.18 2.67
CA SER A 8 0.45 1.15 3.13
C SER A 8 -0.62 2.16 2.71
N LYS A 9 -0.57 2.57 1.45
CA LYS A 9 -1.54 3.53 0.91
C LYS A 9 -2.96 3.03 1.13
N PHE A 10 -3.11 1.72 1.25
CA PHE A 10 -4.42 1.11 1.46
C PHE A 10 -4.32 -0.40 1.52
N LEU A 11 -3.89 -1.00 0.43
CA LEU A 11 -3.74 -2.46 0.36
C LEU A 11 -2.87 -2.87 -0.83
N GLY A 12 -1.67 -3.35 -0.54
CA GLY A 12 -0.76 -3.76 -1.59
C GLY A 12 -0.46 -5.26 -1.54
N ARG A 13 -1.01 -6.00 -2.49
CA ARG A 13 -0.81 -7.44 -2.54
C ARG A 13 0.56 -7.76 -3.14
N SER A 1 -0.88 6.38 2.90
CA SER A 1 0.33 6.35 2.07
C SER A 1 -0.02 6.59 0.61
N ALA A 2 1.01 6.66 -0.23
CA ALA A 2 0.83 6.88 -1.66
C ALA A 2 0.93 5.58 -2.45
N PHE A 3 2.15 5.09 -2.62
CA PHE A 3 2.37 3.85 -3.35
C PHE A 3 2.01 2.64 -2.50
N TRP A 4 1.75 1.51 -3.15
CA TRP A 4 1.40 0.28 -2.46
C TRP A 4 2.63 -0.39 -1.87
N GLN A 5 2.50 -0.87 -0.64
CA GLN A 5 3.61 -1.54 0.04
C GLN A 5 3.13 -2.20 1.33
N TRP A 6 2.92 -3.51 1.27
CA TRP A 6 2.46 -4.27 2.43
C TRP A 6 1.22 -3.63 3.04
N PHE A 7 0.30 -3.22 2.18
CA PHE A 7 -0.94 -2.59 2.63
C PHE A 7 -0.65 -1.27 3.34
N SER A 8 -0.05 -0.33 2.60
CA SER A 8 0.28 0.98 3.16
C SER A 8 -0.74 2.03 2.73
N LYS A 9 -0.61 2.51 1.50
CA LYS A 9 -1.52 3.52 0.98
C LYS A 9 -2.97 3.05 1.08
N PHE A 10 -3.16 1.73 1.13
CA PHE A 10 -4.49 1.16 1.23
C PHE A 10 -4.44 -0.37 1.23
N LEU A 11 -3.95 -0.92 0.13
CA LEU A 11 -3.85 -2.37 -0.01
C LEU A 11 -2.93 -2.74 -1.17
N GLY A 12 -1.75 -3.26 -0.85
CA GLY A 12 -0.80 -3.65 -1.88
C GLY A 12 -0.54 -5.14 -1.89
N ARG A 13 -1.08 -5.83 -2.90
CA ARG A 13 -0.89 -7.27 -3.02
C ARG A 13 0.56 -7.62 -3.30
N SER A 1 -0.83 6.16 2.76
CA SER A 1 0.41 6.12 1.98
C SER A 1 0.14 6.34 0.50
N ALA A 2 1.20 6.41 -0.30
CA ALA A 2 1.07 6.62 -1.73
C ALA A 2 1.21 5.30 -2.49
N PHE A 3 2.44 4.81 -2.60
CA PHE A 3 2.71 3.57 -3.31
C PHE A 3 2.27 2.37 -2.47
N TRP A 4 2.08 1.23 -3.14
CA TRP A 4 1.67 0.01 -2.46
C TRP A 4 2.86 -0.71 -1.84
N GLN A 5 2.68 -1.19 -0.62
CA GLN A 5 3.74 -1.91 0.09
C GLN A 5 3.22 -2.50 1.39
N TRP A 6 3.03 -3.82 1.39
CA TRP A 6 2.53 -4.52 2.56
C TRP A 6 1.26 -3.86 3.10
N PHE A 7 0.38 -3.45 2.19
CA PHE A 7 -0.87 -2.81 2.56
C PHE A 7 -0.61 -1.48 3.27
N SER A 8 0.03 -0.56 2.55
CA SER A 8 0.35 0.75 3.10
C SER A 8 -0.66 1.79 2.64
N LYS A 9 -0.48 2.27 1.41
CA LYS A 9 -1.38 3.27 0.84
C LYS A 9 -2.83 2.81 0.91
N PHE A 10 -3.03 1.49 0.95
CA PHE A 10 -4.36 0.91 1.03
C PHE A 10 -4.31 -0.61 1.04
N LEU A 11 -3.80 -1.18 -0.04
CA LEU A 11 -3.68 -2.64 -0.17
C LEU A 11 -2.75 -3.01 -1.31
N GLY A 12 -1.56 -3.49 -0.97
CA GLY A 12 -0.60 -3.89 -1.98
C GLY A 12 -0.40 -5.39 -2.03
N ARG A 13 -0.80 -6.01 -3.14
CA ARG A 13 -0.67 -7.45 -3.31
C ARG A 13 0.35 -7.77 -4.40
N SER A 1 -0.43 6.32 3.16
CA SER A 1 0.71 6.31 2.24
C SER A 1 0.25 6.58 0.81
N ALA A 2 1.21 6.73 -0.10
CA ALA A 2 0.91 6.97 -1.50
C ALA A 2 0.97 5.69 -2.32
N PHE A 3 2.19 5.23 -2.60
CA PHE A 3 2.38 4.01 -3.37
C PHE A 3 1.98 2.78 -2.56
N TRP A 4 1.73 1.68 -3.25
CA TRP A 4 1.34 0.43 -2.59
C TRP A 4 2.57 -0.38 -2.22
N GLN A 5 2.54 -0.96 -1.01
CA GLN A 5 3.65 -1.77 -0.52
C GLN A 5 3.32 -2.39 0.83
N TRP A 6 3.13 -3.70 0.85
CA TRP A 6 2.81 -4.42 2.08
C TRP A 6 1.63 -3.75 2.79
N PHE A 7 0.66 -3.29 2.02
CA PHE A 7 -0.53 -2.64 2.58
C PHE A 7 -0.14 -1.34 3.28
N SER A 8 0.41 -0.41 2.52
CA SER A 8 0.82 0.88 3.07
C SER A 8 -0.24 1.95 2.81
N LYS A 9 -0.25 2.48 1.59
CA LYS A 9 -1.22 3.50 1.21
C LYS A 9 -2.65 3.04 1.49
N PHE A 10 -2.84 1.72 1.51
CA PHE A 10 -4.16 1.15 1.76
C PHE A 10 -4.11 -0.38 1.70
N LEU A 11 -3.78 -0.89 0.52
CA LEU A 11 -3.70 -2.34 0.32
C LEU A 11 -2.98 -2.67 -0.99
N GLY A 12 -1.74 -3.13 -0.86
CA GLY A 12 -0.96 -3.48 -2.05
C GLY A 12 -0.88 -4.97 -2.26
N ARG A 13 -1.66 -5.47 -3.21
CA ARG A 13 -1.67 -6.90 -3.52
C ARG A 13 -0.44 -7.29 -4.36
N SER A 1 -0.65 5.93 2.92
CA SER A 1 0.55 5.93 2.09
C SER A 1 0.19 6.19 0.63
N ALA A 2 1.21 6.27 -0.22
CA ALA A 2 1.01 6.52 -1.63
C ALA A 2 1.12 5.23 -2.44
N PHE A 3 2.35 4.76 -2.63
CA PHE A 3 2.59 3.54 -3.39
C PHE A 3 2.21 2.30 -2.57
N TRP A 4 1.99 1.19 -3.25
CA TRP A 4 1.63 -0.05 -2.58
C TRP A 4 2.86 -0.77 -2.05
N GLN A 5 2.78 -1.27 -0.82
CA GLN A 5 3.89 -1.98 -0.21
C GLN A 5 3.47 -2.64 1.10
N TRP A 6 3.27 -3.95 1.07
CA TRP A 6 2.87 -4.69 2.25
C TRP A 6 1.62 -4.08 2.88
N PHE A 7 0.69 -3.65 2.03
CA PHE A 7 -0.56 -3.04 2.50
C PHE A 7 -0.28 -1.73 3.22
N SER A 8 0.29 -0.77 2.50
CA SER A 8 0.62 0.53 3.07
C SER A 8 -0.43 1.57 2.68
N LYS A 9 -0.32 2.08 1.46
CA LYS A 9 -1.27 3.08 0.96
C LYS A 9 -2.70 2.59 1.09
N PHE A 10 -2.87 1.27 1.11
CA PHE A 10 -4.20 0.67 1.23
C PHE A 10 -4.11 -0.86 1.20
N LEU A 11 -3.62 -1.39 0.08
CA LEU A 11 -3.49 -2.83 -0.09
C LEU A 11 -2.60 -3.16 -1.28
N GLY A 12 -1.41 -3.68 -0.99
CA GLY A 12 -0.47 -4.03 -2.04
C GLY A 12 -0.30 -5.53 -2.18
N ARG A 13 -0.84 -6.09 -3.26
CA ARG A 13 -0.75 -7.52 -3.50
C ARG A 13 0.69 -7.93 -3.80
#